data_7CUA
#
_entry.id   7CUA
#
_cell.length_a   41.467
_cell.length_b   91.449
_cell.length_c   154.838
_cell.angle_alpha   90.000
_cell.angle_beta   90.000
_cell.angle_gamma   90.000
#
_symmetry.space_group_name_H-M   'C 2 2 21'
#
loop_
_entity.id
_entity.type
_entity.pdbx_description
1 polymer YoeB
2 non-polymer 'SULFATE ION'
3 water water
#
_entity_poly.entity_id   1
_entity_poly.type   'polypeptide(L)'
_entity_poly.pdbx_seq_one_letter_code
;MARLNITFSPQAFEDYKYFQQNDKKMVKKINELLKSIDRNGALEGIGKPEKLKSNLTGYYSRRINHEHRLVYTVDDNHIK
IASCKYHY
;
_entity_poly.pdbx_strand_id   A,C,B
#
loop_
_chem_comp.id
_chem_comp.type
_chem_comp.name
_chem_comp.formula
SO4 non-polymer 'SULFATE ION' 'O4 S -2'
#
# COMPACT_ATOMS: atom_id res chain seq x y z
N ALA A 2 -7.27 -16.04 -8.35
CA ALA A 2 -8.40 -16.11 -9.27
C ALA A 2 -9.48 -17.04 -8.74
N ARG A 3 -9.09 -18.00 -7.90
CA ARG A 3 -10.03 -18.96 -7.33
C ARG A 3 -10.36 -18.65 -5.87
N LEU A 4 -9.35 -18.37 -5.06
CA LEU A 4 -9.51 -18.20 -3.62
C LEU A 4 -9.65 -16.73 -3.27
N ASN A 5 -10.41 -16.47 -2.19
CA ASN A 5 -10.41 -15.14 -1.59
C ASN A 5 -9.03 -14.84 -1.01
N ILE A 6 -8.73 -13.56 -0.86
CA ILE A 6 -7.48 -13.10 -0.24
C ILE A 6 -7.83 -12.37 1.05
N THR A 7 -7.41 -12.91 2.18
CA THR A 7 -7.74 -12.36 3.49
C THR A 7 -6.48 -11.81 4.14
N PHE A 8 -6.50 -10.53 4.47
CA PHE A 8 -5.42 -9.87 5.18
C PHE A 8 -5.78 -9.73 6.65
N SER A 9 -4.94 -10.28 7.53
CA SER A 9 -5.04 -9.92 8.93
C SER A 9 -4.75 -8.44 9.10
N PRO A 10 -5.16 -7.83 10.22
CA PRO A 10 -4.85 -6.41 10.42
C PRO A 10 -3.37 -6.08 10.28
N GLN A 11 -2.49 -6.89 10.86
CA GLN A 11 -1.06 -6.63 10.71
C GLN A 11 -0.61 -6.79 9.26
N ALA A 12 -1.15 -7.79 8.56
CA ALA A 12 -0.73 -8.05 7.19
C ALA A 12 -1.16 -6.91 6.27
N PHE A 13 -2.37 -6.37 6.46
CA PHE A 13 -2.81 -5.27 5.63
C PHE A 13 -2.01 -4.01 5.93
N GLU A 14 -1.66 -3.80 7.20
CA GLU A 14 -0.76 -2.71 7.57
C GLU A 14 0.58 -2.85 6.84
N ASP A 15 1.16 -4.06 6.85
CA ASP A 15 2.40 -4.30 6.10
C ASP A 15 2.21 -4.02 4.62
N TYR A 16 1.10 -4.49 4.05
CA TYR A 16 0.85 -4.34 2.63
C TYR A 16 0.73 -2.88 2.23
N LYS A 17 0.01 -2.08 3.03
CA LYS A 17 -0.10 -0.66 2.77
C LYS A 17 1.24 0.04 2.98
N TYR A 18 2.03 -0.43 3.94
CA TYR A 18 3.38 0.12 4.12
C TYR A 18 4.19 0.00 2.85
N PHE A 19 4.13 -1.16 2.19
CA PHE A 19 4.85 -1.32 0.93
C PHE A 19 4.21 -0.52 -0.20
N GLN A 20 2.89 -0.33 -0.18
CA GLN A 20 2.27 0.57 -1.15
C GLN A 20 2.87 1.96 -1.05
N GLN A 21 3.16 2.42 0.17
CA GLN A 21 3.68 3.76 0.37
C GLN A 21 5.19 3.84 0.14
N ASN A 22 5.91 2.73 0.33
CA ASN A 22 7.37 2.78 0.37
C ASN A 22 8.08 2.04 -0.77
N ASP A 23 7.50 0.97 -1.32
CA ASP A 23 8.22 0.17 -2.31
C ASP A 23 7.19 -0.62 -3.12
N LYS A 24 6.75 -0.03 -4.22
CA LYS A 24 5.69 -0.66 -4.99
C LYS A 24 6.14 -1.94 -5.67
N LYS A 25 7.45 -2.14 -5.85
CA LYS A 25 7.91 -3.43 -6.37
C LYS A 25 7.70 -4.55 -5.37
N MET A 26 7.71 -4.23 -4.06
CA MET A 26 7.41 -5.24 -3.06
C MET A 26 5.94 -5.63 -3.10
N VAL A 27 5.05 -4.68 -3.39
CA VAL A 27 3.64 -5.01 -3.59
C VAL A 27 3.48 -5.97 -4.76
N LYS A 28 4.17 -5.69 -5.87
CA LYS A 28 4.09 -6.57 -7.03
C LYS A 28 4.54 -7.99 -6.68
N LYS A 29 5.65 -8.12 -5.96
CA LYS A 29 6.15 -9.44 -5.60
C LYS A 29 5.15 -10.18 -4.73
N ILE A 30 4.58 -9.50 -3.73
CA ILE A 30 3.53 -10.10 -2.90
C ILE A 30 2.37 -10.58 -3.77
N ASN A 31 1.92 -9.73 -4.70
CA ASN A 31 0.82 -10.14 -5.57
C ASN A 31 1.20 -11.38 -6.39
N GLU A 32 2.46 -11.46 -6.82
CA GLU A 32 2.90 -12.62 -7.60
C GLU A 32 2.93 -13.87 -6.75
N LEU A 33 3.39 -13.74 -5.50
CA LEU A 33 3.39 -14.88 -4.58
C LEU A 33 1.98 -15.40 -4.34
N LEU A 34 1.01 -14.50 -4.21
CA LEU A 34 -0.37 -14.92 -3.96
C LEU A 34 -0.95 -15.64 -5.17
N LYS A 35 -0.61 -15.17 -6.37
CA LYS A 35 -1.03 -15.87 -7.59
C LYS A 35 -0.47 -17.29 -7.62
N SER A 36 0.81 -17.45 -7.26
CA SER A 36 1.43 -18.77 -7.26
C SER A 36 0.79 -19.69 -6.23
N ILE A 37 0.46 -19.16 -5.04
CA ILE A 37 -0.21 -19.97 -4.02
C ILE A 37 -1.58 -20.41 -4.53
N ASP A 38 -2.33 -19.49 -5.14
CA ASP A 38 -3.65 -19.82 -5.66
C ASP A 38 -3.58 -20.90 -6.73
N ARG A 39 -2.57 -20.83 -7.59
CA ARG A 39 -2.47 -21.71 -8.74
C ARG A 39 -1.79 -23.04 -8.41
N ASN A 40 -0.82 -23.04 -7.50
CA ASN A 40 0.03 -24.20 -7.27
C ASN A 40 -0.11 -24.83 -5.89
N GLY A 41 -0.79 -24.19 -4.96
CA GLY A 41 -0.88 -24.70 -3.60
C GLY A 41 0.13 -24.04 -2.67
N ALA A 42 0.04 -24.44 -1.40
CA ALA A 42 0.77 -23.74 -0.34
C ALA A 42 2.28 -23.88 -0.51
N LEU A 43 2.76 -25.04 -0.96
CA LEU A 43 4.19 -25.35 -0.91
C LEU A 43 4.84 -25.48 -2.28
N GLU A 44 4.16 -25.08 -3.35
CA GLU A 44 4.67 -25.25 -4.71
C GLU A 44 4.79 -23.90 -5.40
N GLY A 45 5.97 -23.63 -5.97
CA GLY A 45 6.14 -22.43 -6.77
C GLY A 45 7.22 -21.48 -6.29
N ILE A 46 7.13 -20.23 -6.75
CA ILE A 46 8.19 -19.25 -6.52
C ILE A 46 8.26 -18.86 -5.05
N GLY A 47 9.42 -18.36 -4.65
CA GLY A 47 9.59 -17.79 -3.33
C GLY A 47 10.04 -18.74 -2.25
N LYS A 48 10.59 -19.90 -2.61
CA LYS A 48 11.09 -20.90 -1.68
C LYS A 48 10.08 -21.17 -0.57
N PRO A 49 8.92 -21.75 -0.90
CA PRO A 49 7.91 -22.00 0.13
C PRO A 49 8.44 -22.92 1.22
N GLU A 50 8.11 -22.59 2.46
CA GLU A 50 8.49 -23.39 3.61
C GLU A 50 7.33 -23.42 4.59
N LYS A 51 7.23 -24.51 5.34
CA LYS A 51 6.32 -24.52 6.47
C LYS A 51 6.87 -23.61 7.57
N LEU A 52 5.96 -23.02 8.32
CA LEU A 52 6.31 -22.25 9.51
C LEU A 52 6.28 -23.20 10.71
N LYS A 53 7.42 -23.38 11.36
CA LYS A 53 7.54 -24.40 12.39
C LYS A 53 7.04 -23.93 13.76
N SER A 54 6.99 -22.62 14.01
CA SER A 54 6.75 -22.14 15.37
C SER A 54 5.75 -20.99 15.39
N ASN A 55 5.05 -20.88 16.53
CA ASN A 55 4.22 -19.76 16.94
C ASN A 55 2.89 -19.67 16.18
N LEU A 56 2.73 -20.47 15.14
CA LEU A 56 1.48 -20.51 14.40
C LEU A 56 1.33 -21.90 13.83
N THR A 57 0.08 -22.38 13.77
CA THR A 57 -0.21 -23.75 13.41
C THR A 57 -0.73 -23.79 11.98
N GLY A 58 -0.07 -24.57 11.13
CA GLY A 58 -0.52 -24.76 9.77
C GLY A 58 -0.26 -23.60 8.83
N TYR A 59 0.74 -22.76 9.14
CA TYR A 59 1.09 -21.65 8.27
C TYR A 59 2.36 -21.95 7.50
N TYR A 60 2.58 -21.17 6.44
CA TYR A 60 3.70 -21.30 5.54
C TYR A 60 4.29 -19.93 5.30
N SER A 61 5.45 -19.88 4.65
CA SER A 61 6.08 -18.62 4.29
C SER A 61 6.70 -18.70 2.91
N ARG A 62 6.75 -17.55 2.23
CA ARG A 62 7.44 -17.43 0.96
C ARG A 62 8.25 -16.14 0.97
N ARG A 63 9.40 -16.17 0.30
CA ARG A 63 10.30 -15.02 0.31
C ARG A 63 9.76 -13.91 -0.57
N ILE A 64 9.68 -12.70 0.00
CA ILE A 64 9.37 -11.50 -0.76
C ILE A 64 10.69 -10.90 -1.23
N ASN A 65 11.58 -10.63 -0.29
CA ASN A 65 12.96 -10.26 -0.62
C ASN A 65 13.87 -10.80 0.47
N HIS A 66 15.12 -10.34 0.50
CA HIS A 66 16.10 -10.91 1.42
C HIS A 66 15.71 -10.74 2.88
N GLU A 67 14.90 -9.72 3.21
CA GLU A 67 14.60 -9.42 4.59
C GLU A 67 13.19 -9.78 5.02
N HIS A 68 12.27 -10.05 4.09
CA HIS A 68 10.86 -10.18 4.40
C HIS A 68 10.27 -11.43 3.77
N ARG A 69 9.51 -12.18 4.56
CA ARG A 69 8.73 -13.30 4.05
C ARG A 69 7.25 -13.03 4.24
N LEU A 70 6.45 -13.56 3.33
CA LEU A 70 5.00 -13.54 3.42
C LEU A 70 4.54 -14.78 4.17
N VAL A 71 3.76 -14.60 5.24
CA VAL A 71 3.30 -15.71 6.07
C VAL A 71 1.81 -15.87 5.86
N TYR A 72 1.39 -17.10 5.56
CA TYR A 72 0.04 -17.33 5.11
C TYR A 72 -0.37 -18.77 5.41
N THR A 73 -1.68 -19.00 5.36
CA THR A 73 -2.25 -20.34 5.34
C THR A 73 -3.33 -20.37 4.26
N VAL A 74 -3.74 -21.59 3.90
CA VAL A 74 -4.67 -21.80 2.79
C VAL A 74 -5.73 -22.79 3.21
N ASP A 75 -6.98 -22.54 2.81
CA ASP A 75 -8.00 -23.57 2.68
C ASP A 75 -8.64 -23.43 1.30
N ASP A 76 -9.67 -24.21 1.01
CA ASP A 76 -10.21 -24.13 -0.35
C ASP A 76 -11.13 -22.94 -0.57
N ASN A 77 -11.23 -22.04 0.41
CA ASN A 77 -11.95 -20.79 0.24
C ASN A 77 -11.06 -19.56 0.21
N HIS A 78 -9.94 -19.56 0.94
CA HIS A 78 -9.19 -18.31 1.03
C HIS A 78 -7.72 -18.59 1.35
N ILE A 79 -6.88 -17.64 0.95
CA ILE A 79 -5.53 -17.49 1.49
C ILE A 79 -5.62 -16.45 2.60
N LYS A 80 -5.16 -16.80 3.79
CA LYS A 80 -5.15 -15.89 4.94
C LYS A 80 -3.71 -15.49 5.20
N ILE A 81 -3.44 -14.19 5.21
CA ILE A 81 -2.09 -13.65 5.34
C ILE A 81 -1.94 -13.09 6.74
N ALA A 82 -0.92 -13.57 7.46
CA ALA A 82 -0.64 -13.07 8.79
C ALA A 82 0.37 -11.93 8.80
N SER A 83 1.26 -11.89 7.81
CA SER A 83 2.35 -10.93 7.83
C SER A 83 2.98 -10.84 6.45
N CYS A 84 3.47 -9.64 6.11
CA CYS A 84 4.32 -9.45 4.94
C CYS A 84 5.73 -9.02 5.32
N LYS A 85 6.12 -9.14 6.60
CA LYS A 85 7.44 -8.70 7.04
C LYS A 85 8.13 -9.74 7.93
N TYR A 86 7.76 -11.01 7.79
CA TYR A 86 8.27 -12.03 8.70
C TYR A 86 9.74 -12.34 8.46
N HIS A 87 10.47 -12.57 9.55
CA HIS A 87 11.80 -13.13 9.49
C HIS A 87 11.98 -14.01 10.72
N TYR A 88 12.57 -15.18 10.52
CA TYR A 88 12.76 -16.12 11.63
C TYR A 88 13.67 -15.49 12.69
N ALA B 2 2.42 12.02 -10.10
CA ALA B 2 1.40 12.86 -10.70
C ALA B 2 0.12 12.84 -9.87
N ARG B 3 0.18 12.19 -8.70
CA ARG B 3 -0.96 12.09 -7.80
C ARG B 3 -0.77 12.85 -6.50
N LEU B 4 0.42 12.82 -5.91
CA LEU B 4 0.63 13.42 -4.61
C LEU B 4 0.84 14.93 -4.73
N ASN B 5 0.29 15.67 -3.78
CA ASN B 5 0.65 17.07 -3.63
C ASN B 5 2.12 17.19 -3.24
N ILE B 6 2.74 18.30 -3.60
CA ILE B 6 4.13 18.58 -3.27
C ILE B 6 4.15 19.75 -2.30
N THR B 7 4.55 19.51 -1.06
CA THR B 7 4.63 20.54 -0.04
C THR B 7 6.09 20.88 0.24
N PHE B 8 6.43 22.16 0.13
CA PHE B 8 7.75 22.66 0.50
C PHE B 8 7.67 23.34 1.86
N SER B 9 8.51 22.92 2.80
CA SER B 9 8.72 23.73 3.98
C SER B 9 9.28 25.09 3.57
N PRO B 10 9.13 26.12 4.39
CA PRO B 10 9.74 27.42 4.05
C PRO B 10 11.22 27.32 3.70
N GLN B 11 11.99 26.52 4.45
CA GLN B 11 13.41 26.37 4.13
C GLN B 11 13.60 25.65 2.79
N ALA B 12 12.83 24.59 2.55
CA ALA B 12 13.01 23.82 1.33
C ALA B 12 12.67 24.65 0.09
N PHE B 13 11.65 25.50 0.18
CA PHE B 13 11.32 26.34 -0.97
C PHE B 13 12.39 27.39 -1.20
N GLU B 14 13.00 27.90 -0.12
CA GLU B 14 14.14 28.81 -0.27
C GLU B 14 15.30 28.12 -0.96
N ASP B 15 15.65 26.90 -0.52
CA ASP B 15 16.68 26.13 -1.21
C ASP B 15 16.33 25.93 -2.68
N TYR B 16 15.08 25.53 -2.94
CA TYR B 16 14.63 25.26 -4.30
C TYR B 16 14.77 26.50 -5.18
N LYS B 17 14.31 27.65 -4.67
CA LYS B 17 14.45 28.89 -5.42
C LYS B 17 15.91 29.28 -5.57
N TYR B 18 16.71 29.03 -4.54
CA TYR B 18 18.16 29.25 -4.64
C TYR B 18 18.74 28.51 -5.84
N PHE B 19 18.37 27.25 -6.02
CA PHE B 19 18.88 26.49 -7.15
C PHE B 19 18.28 26.97 -8.47
N GLN B 20 17.01 27.42 -8.45
CA GLN B 20 16.43 28.02 -9.64
C GLN B 20 17.29 29.16 -10.16
N GLN B 21 17.91 29.92 -9.26
CA GLN B 21 18.71 31.07 -9.63
C GLN B 21 20.17 30.73 -9.89
N ASN B 22 20.74 29.78 -9.14
CA ASN B 22 22.17 29.58 -9.14
C ASN B 22 22.64 28.27 -9.75
N ASP B 23 21.79 27.25 -9.82
CA ASP B 23 22.22 25.95 -10.36
C ASP B 23 20.99 25.18 -10.82
N LYS B 24 20.58 25.44 -12.08
CA LYS B 24 19.40 24.78 -12.64
C LYS B 24 19.57 23.26 -12.68
N LYS B 25 20.81 22.78 -12.78
CA LYS B 25 21.06 21.34 -12.78
C LYS B 25 20.50 20.67 -11.52
N MET B 26 20.53 21.38 -10.39
CA MET B 26 20.01 20.79 -9.16
C MET B 26 18.49 20.74 -9.19
N VAL B 27 17.84 21.77 -9.72
CA VAL B 27 16.38 21.76 -9.83
C VAL B 27 15.92 20.59 -10.68
N LYS B 28 16.61 20.32 -11.79
CA LYS B 28 16.22 19.22 -12.66
C LYS B 28 16.27 17.89 -11.91
N LYS B 29 17.32 17.68 -11.09
CA LYS B 29 17.42 16.44 -10.33
C LYS B 29 16.35 16.37 -9.24
N ILE B 30 16.07 17.48 -8.56
CA ILE B 30 15.03 17.48 -7.53
C ILE B 30 13.68 17.11 -8.13
N ASN B 31 13.35 17.66 -9.30
CA ASN B 31 12.07 17.33 -9.93
C ASN B 31 11.99 15.86 -10.31
N GLU B 32 13.13 15.29 -10.73
CA GLU B 32 13.17 13.88 -11.06
C GLU B 32 12.98 13.01 -9.82
N LEU B 33 13.59 13.40 -8.70
CA LEU B 33 13.41 12.68 -7.45
C LEU B 33 11.95 12.69 -7.01
N LEU B 34 11.30 13.84 -7.09
CA LEU B 34 9.89 13.94 -6.70
C LEU B 34 9.02 13.04 -7.58
N LYS B 35 9.32 12.97 -8.87
CA LYS B 35 8.55 12.08 -9.75
C LYS B 35 8.78 10.62 -9.38
N SER B 36 10.02 10.27 -9.03
CA SER B 36 10.33 8.89 -8.68
C SER B 36 9.64 8.48 -7.37
N ILE B 37 9.62 9.37 -6.37
CA ILE B 37 8.94 9.07 -5.12
C ILE B 37 7.46 8.79 -5.39
N ASP B 38 6.84 9.62 -6.23
CA ASP B 38 5.42 9.43 -6.54
C ASP B 38 5.18 8.14 -7.31
N ARG B 39 6.09 7.80 -8.23
CA ARG B 39 5.88 6.63 -9.08
C ARG B 39 6.18 5.33 -8.35
N ASN B 40 7.22 5.30 -7.51
CA ASN B 40 7.74 4.05 -6.97
C ASN B 40 7.53 3.87 -5.48
N GLY B 41 7.18 4.93 -4.75
CA GLY B 41 7.15 4.90 -3.30
C GLY B 41 8.39 5.54 -2.70
N ALA B 42 8.30 5.81 -1.40
CA ALA B 42 9.32 6.65 -0.73
C ALA B 42 10.72 6.07 -0.83
N LEU B 43 10.86 4.74 -0.83
CA LEU B 43 12.17 4.12 -0.68
C LEU B 43 12.68 3.40 -1.92
N GLU B 44 12.07 3.62 -3.09
CA GLU B 44 12.44 2.91 -4.30
C GLU B 44 12.75 3.89 -5.42
N GLY B 45 13.84 3.64 -6.14
CA GLY B 45 14.12 4.40 -7.33
C GLY B 45 15.41 5.20 -7.26
N ILE B 46 15.50 6.26 -8.07
CA ILE B 46 16.74 7.03 -8.18
C ILE B 46 17.06 7.73 -6.87
N GLY B 47 18.33 8.12 -6.72
CA GLY B 47 18.77 8.92 -5.60
C GLY B 47 19.19 8.18 -4.36
N LYS B 48 19.39 6.86 -4.44
CA LYS B 48 19.80 6.03 -3.31
C LYS B 48 18.97 6.32 -2.07
N PRO B 49 17.67 6.00 -2.07
CA PRO B 49 16.80 6.42 -0.96
C PRO B 49 17.18 5.75 0.34
N GLU B 50 17.12 6.53 1.43
CA GLU B 50 17.44 6.04 2.76
C GLU B 50 16.44 6.60 3.75
N LYS B 51 16.24 5.88 4.85
CA LYS B 51 15.54 6.47 5.99
C LYS B 51 16.46 7.46 6.68
N LEU B 52 15.88 8.55 7.18
CA LEU B 52 16.61 9.53 7.96
C LEU B 52 16.57 9.08 9.43
N LYS B 53 17.75 8.84 10.02
CA LYS B 53 17.81 8.20 11.33
C LYS B 53 17.03 8.98 12.39
N SER B 54 17.17 10.30 12.39
CA SER B 54 16.50 11.15 13.37
C SER B 54 16.42 12.55 12.78
N ASN B 55 16.21 13.55 13.65
CA ASN B 55 16.02 14.97 13.37
C ASN B 55 14.59 15.24 12.92
N LEU B 56 13.78 14.19 12.82
CA LEU B 56 12.36 14.20 12.50
C LEU B 56 11.94 12.74 12.58
N THR B 57 10.64 12.50 12.49
CA THR B 57 10.12 11.14 12.61
C THR B 57 9.49 10.72 11.29
N GLY B 58 9.95 9.59 10.76
CA GLY B 58 9.41 9.07 9.52
C GLY B 58 9.85 9.79 8.27
N TYR B 59 11.06 10.35 8.27
CA TYR B 59 11.57 11.06 7.10
C TYR B 59 12.56 10.21 6.34
N TYR B 60 12.77 10.58 5.08
CA TYR B 60 13.65 9.87 4.17
C TYR B 60 14.59 10.87 3.50
N SER B 61 15.59 10.36 2.80
CA SER B 61 16.47 11.23 2.03
C SER B 61 16.81 10.57 0.70
N ARG B 62 17.06 11.41 -0.30
CA ARG B 62 17.57 10.97 -1.59
C ARG B 62 18.65 11.92 -2.05
N ARG B 63 19.67 11.37 -2.71
CA ARG B 63 20.80 12.16 -3.18
C ARG B 63 20.37 13.11 -4.29
N ILE B 64 20.71 14.39 -4.14
CA ILE B 64 20.57 15.34 -5.25
C ILE B 64 21.88 15.36 -6.01
N ASN B 65 22.96 15.73 -5.33
CA ASN B 65 24.31 15.66 -5.90
C ASN B 65 25.23 15.12 -4.80
N HIS B 66 26.55 15.27 -4.98
CA HIS B 66 27.47 14.64 -4.05
C HIS B 66 27.37 15.23 -2.65
N GLU B 67 26.99 16.51 -2.53
CA GLU B 67 27.04 17.20 -1.26
C GLU B 67 25.68 17.42 -0.61
N HIS B 68 24.58 17.25 -1.34
CA HIS B 68 23.26 17.64 -0.85
C HIS B 68 22.24 16.54 -1.09
N ARG B 69 21.38 16.33 -0.09
CA ARG B 69 20.31 15.35 -0.18
C ARG B 69 18.97 16.04 -0.01
N LEU B 70 17.94 15.47 -0.65
CA LEU B 70 16.56 15.90 -0.47
C LEU B 70 15.97 15.14 0.72
N VAL B 71 15.49 15.85 1.73
CA VAL B 71 14.88 15.26 2.92
C VAL B 71 13.37 15.46 2.85
N TYR B 72 12.61 14.38 3.01
CA TYR B 72 11.18 14.43 2.80
C TYR B 72 10.48 13.34 3.61
N THR B 73 9.17 13.53 3.78
CA THR B 73 8.28 12.50 4.28
C THR B 73 7.11 12.37 3.31
N VAL B 74 6.33 11.30 3.48
CA VAL B 74 5.17 11.07 2.61
C VAL B 74 4.00 10.61 3.46
N ASP B 75 2.80 10.96 3.02
CA ASP B 75 1.59 10.33 3.50
C ASP B 75 0.70 10.04 2.29
N ASP B 76 -0.58 9.74 2.55
CA ASP B 76 -1.52 9.48 1.46
C ASP B 76 -1.66 10.68 0.54
N ASN B 77 -1.42 11.88 1.04
CA ASN B 77 -1.81 13.10 0.35
C ASN B 77 -0.65 13.84 -0.30
N HIS B 78 0.55 13.74 0.25
CA HIS B 78 1.59 14.64 -0.22
C HIS B 78 2.97 14.07 0.05
N ILE B 79 3.94 14.59 -0.71
CA ILE B 79 5.35 14.56 -0.32
C ILE B 79 5.64 15.88 0.37
N LYS B 80 6.20 15.82 1.58
CA LYS B 80 6.55 17.02 2.32
C LYS B 80 8.07 17.13 2.39
N ILE B 81 8.61 18.20 1.83
CA ILE B 81 10.06 18.39 1.72
C ILE B 81 10.53 19.30 2.84
N ALA B 82 11.49 18.83 3.63
CA ALA B 82 12.05 19.63 4.70
C ALA B 82 13.27 20.41 4.26
N SER B 83 14.03 19.89 3.29
CA SER B 83 15.30 20.49 2.92
C SER B 83 15.73 19.97 1.55
N CYS B 84 16.38 20.85 0.78
CA CYS B 84 17.03 20.48 -0.47
C CYS B 84 18.55 20.61 -0.39
N LYS B 85 19.13 20.74 0.82
CA LYS B 85 20.56 20.96 0.95
C LYS B 85 21.20 20.10 2.04
N TYR B 86 20.53 19.03 2.48
CA TYR B 86 20.93 18.31 3.68
C TYR B 86 22.23 17.54 3.50
N HIS B 87 23.07 17.58 4.55
CA HIS B 87 24.19 16.67 4.69
C HIS B 87 24.27 16.27 6.16
N TYR B 88 24.43 14.98 6.43
CA TYR B 88 24.58 14.53 7.81
C TYR B 88 25.76 15.24 8.47
N ALA C 2 -8.21 -2.03 11.86
CA ALA C 2 -7.19 -2.57 12.75
C ALA C 2 -7.71 -3.77 13.53
N ARG C 3 -9.04 -3.91 13.62
CA ARG C 3 -9.64 -4.99 14.39
C ARG C 3 -10.10 -6.15 13.52
N LEU C 4 -10.64 -5.88 12.33
CA LEU C 4 -11.23 -6.91 11.48
C LEU C 4 -10.28 -7.33 10.36
N ASN C 5 -10.33 -8.61 10.01
CA ASN C 5 -9.67 -9.06 8.80
C ASN C 5 -10.30 -8.39 7.58
N ILE C 6 -9.52 -8.26 6.52
CA ILE C 6 -10.01 -7.71 5.25
C ILE C 6 -9.93 -8.82 4.20
N THR C 7 -11.08 -9.22 3.67
CA THR C 7 -11.14 -10.31 2.69
C THR C 7 -11.57 -9.75 1.35
N PHE C 8 -10.73 -9.95 0.32
CA PHE C 8 -11.05 -9.62 -1.06
C PHE C 8 -11.57 -10.87 -1.76
N SER C 9 -12.70 -10.73 -2.44
CA SER C 9 -13.07 -11.74 -3.44
C SER C 9 -12.04 -11.73 -4.56
N PRO C 10 -11.97 -12.81 -5.35
CA PRO C 10 -11.05 -12.79 -6.51
C PRO C 10 -11.23 -11.59 -7.42
N GLN C 11 -12.47 -11.24 -7.78
CA GLN C 11 -12.68 -10.10 -8.64
C GLN C 11 -12.29 -8.80 -7.95
N ALA C 12 -12.63 -8.66 -6.67
CA ALA C 12 -12.31 -7.44 -5.94
C ALA C 12 -10.80 -7.23 -5.87
N PHE C 13 -10.04 -8.30 -5.63
CA PHE C 13 -8.59 -8.14 -5.56
C PHE C 13 -8.01 -7.81 -6.93
N GLU C 14 -8.58 -8.35 -8.00
CA GLU C 14 -8.14 -7.94 -9.34
C GLU C 14 -8.44 -6.47 -9.58
N ASP C 15 -9.64 -6.01 -9.18
CA ASP C 15 -9.95 -4.58 -9.24
C ASP C 15 -8.90 -3.78 -8.48
N TYR C 16 -8.60 -4.22 -7.26
CA TYR C 16 -7.67 -3.50 -6.39
C TYR C 16 -6.28 -3.43 -7.01
N LYS C 17 -5.81 -4.55 -7.57
CA LYS C 17 -4.49 -4.55 -8.19
C LYS C 17 -4.47 -3.69 -9.45
N TYR C 18 -5.57 -3.69 -10.20
CA TYR C 18 -5.70 -2.81 -11.36
C TYR C 18 -5.48 -1.35 -10.96
N PHE C 19 -6.14 -0.92 -9.87
CA PHE C 19 -5.98 0.46 -9.41
C PHE C 19 -4.57 0.72 -8.89
N GLN C 20 -3.93 -0.28 -8.28
CA GLN C 20 -2.54 -0.12 -7.85
C GLN C 20 -1.66 0.30 -9.03
N GLN C 21 -1.92 -0.25 -10.21
CA GLN C 21 -1.15 0.01 -11.41
C GLN C 21 -1.61 1.25 -12.17
N ASN C 22 -2.90 1.56 -12.15
CA ASN C 22 -3.47 2.52 -13.07
C ASN C 22 -4.15 3.72 -12.42
N ASP C 23 -4.52 3.64 -11.14
CA ASP C 23 -5.14 4.77 -10.47
C ASP C 23 -4.93 4.68 -8.97
N LYS C 24 -3.75 5.08 -8.51
CA LYS C 24 -3.39 4.96 -7.10
C LYS C 24 -4.27 5.81 -6.20
N LYS C 25 -4.88 6.86 -6.74
CA LYS C 25 -5.84 7.65 -5.96
C LYS C 25 -7.02 6.79 -5.52
N MET C 26 -7.45 5.86 -6.39
CA MET C 26 -8.54 4.96 -6.03
C MET C 26 -8.13 4.00 -4.92
N VAL C 27 -6.88 3.53 -4.94
CA VAL C 27 -6.39 2.65 -3.88
C VAL C 27 -6.42 3.38 -2.55
N LYS C 28 -5.92 4.62 -2.53
CA LYS C 28 -5.91 5.39 -1.29
C LYS C 28 -7.32 5.59 -0.75
N LYS C 29 -8.27 5.91 -1.62
CA LYS C 29 -9.65 6.09 -1.19
C LYS C 29 -10.24 4.78 -0.66
N ILE C 30 -10.00 3.67 -1.35
CA ILE C 30 -10.48 2.38 -0.85
C ILE C 30 -9.93 2.09 0.53
N ASN C 31 -8.64 2.37 0.74
CA ASN C 31 -8.04 2.13 2.05
C ASN C 31 -8.69 3.01 3.11
N GLU C 32 -9.02 4.26 2.77
CA GLU C 32 -9.71 5.14 3.70
C GLU C 32 -11.12 4.63 4.02
N LEU C 33 -11.82 4.13 3.01
CA LEU C 33 -13.15 3.58 3.26
C LEU C 33 -13.08 2.38 4.19
N LEU C 34 -12.08 1.51 3.98
CA LEU C 34 -11.94 0.32 4.82
C LEU C 34 -11.64 0.70 6.26
N LYS C 35 -10.83 1.73 6.49
CA LYS C 35 -10.58 2.19 7.85
C LYS C 35 -11.85 2.73 8.49
N SER C 36 -12.67 3.46 7.73
CA SER C 36 -13.93 3.98 8.25
C SER C 36 -14.87 2.84 8.61
N ILE C 37 -14.94 1.81 7.77
CA ILE C 37 -15.81 0.67 8.04
C ILE C 37 -15.36 -0.04 9.31
N ASP C 38 -14.06 -0.25 9.46
CA ASP C 38 -13.55 -0.92 10.65
C ASP C 38 -13.82 -0.10 11.90
N ARG C 39 -13.74 1.23 11.79
CA ARG C 39 -13.91 2.10 12.95
C ARG C 39 -15.39 2.32 13.29
N ASN C 40 -16.22 2.60 12.28
CA ASN C 40 -17.59 3.06 12.50
C ASN C 40 -18.66 2.02 12.20
N GLY C 41 -18.33 0.96 11.48
CA GLY C 41 -19.33 -0.03 11.09
C GLY C 41 -19.74 0.14 9.64
N ALA C 42 -20.74 -0.67 9.25
CA ALA C 42 -21.11 -0.77 7.85
C ALA C 42 -21.70 0.53 7.30
N LEU C 43 -22.51 1.22 8.09
CA LEU C 43 -23.43 2.21 7.54
C LEU C 43 -23.08 3.68 7.83
N GLU C 44 -22.07 3.96 8.64
CA GLU C 44 -21.76 5.34 9.03
C GLU C 44 -20.34 5.68 8.61
N GLY C 45 -20.17 6.86 8.01
CA GLY C 45 -18.86 7.37 7.71
C GLY C 45 -18.80 7.92 6.30
N ILE C 46 -17.58 8.14 5.84
CA ILE C 46 -17.36 8.72 4.52
C ILE C 46 -17.85 7.75 3.44
N GLY C 47 -18.15 8.31 2.27
CA GLY C 47 -18.48 7.51 1.11
C GLY C 47 -19.96 7.29 0.88
N LYS C 48 -20.84 8.03 1.55
CA LYS C 48 -22.28 7.88 1.41
C LYS C 48 -22.71 6.42 1.51
N PRO C 49 -22.50 5.78 2.66
CA PRO C 49 -22.79 4.34 2.77
C PRO C 49 -24.27 4.05 2.57
N GLU C 50 -24.55 2.98 1.83
CA GLU C 50 -25.91 2.59 1.52
C GLU C 50 -26.03 1.08 1.58
N LYS C 51 -27.23 0.60 1.90
CA LYS C 51 -27.53 -0.79 1.67
C LYS C 51 -27.51 -1.06 0.18
N LEU C 52 -27.02 -2.23 -0.21
CA LEU C 52 -26.98 -2.59 -1.62
C LEU C 52 -28.40 -2.86 -2.11
N LYS C 53 -28.74 -2.29 -3.26
CA LYS C 53 -30.02 -2.60 -3.91
C LYS C 53 -29.98 -4.05 -4.35
N SER C 54 -30.54 -4.93 -3.51
CA SER C 54 -30.46 -6.36 -3.75
C SER C 54 -31.69 -7.04 -3.18
N ASN C 55 -32.01 -8.21 -3.73
CA ASN C 55 -32.97 -9.10 -3.10
C ASN C 55 -32.35 -9.91 -1.98
N LEU C 56 -31.05 -9.76 -1.73
CA LEU C 56 -30.35 -10.46 -0.67
C LEU C 56 -29.80 -9.44 0.33
N THR C 57 -30.15 -9.63 1.60
CA THR C 57 -29.66 -8.72 2.63
C THR C 57 -28.17 -8.95 2.89
N GLY C 58 -27.56 -7.98 3.56
CA GLY C 58 -26.24 -8.13 4.12
C GLY C 58 -25.15 -7.28 3.49
N TYR C 59 -25.34 -6.81 2.26
CA TYR C 59 -24.26 -6.10 1.58
C TYR C 59 -24.53 -4.61 1.52
N TYR C 60 -23.43 -3.84 1.53
CA TYR C 60 -23.45 -2.39 1.57
C TYR C 60 -22.50 -1.86 0.50
N SER C 61 -22.55 -0.55 0.27
CA SER C 61 -21.65 0.06 -0.69
C SER C 61 -21.21 1.43 -0.19
N ARG C 62 -19.99 1.83 -0.59
CA ARG C 62 -19.50 3.18 -0.33
C ARG C 62 -18.83 3.73 -1.58
N ARG C 63 -19.01 5.02 -1.82
CA ARG C 63 -18.52 5.68 -3.02
C ARG C 63 -16.99 5.78 -2.99
N ILE C 64 -16.33 5.24 -4.02
CA ILE C 64 -14.91 5.50 -4.24
C ILE C 64 -14.74 6.78 -5.05
N ASN C 65 -15.39 6.86 -6.21
CA ASN C 65 -15.55 8.12 -6.93
C ASN C 65 -16.94 8.13 -7.54
N HIS C 66 -17.22 9.10 -8.41
CA HIS C 66 -18.55 9.24 -8.99
C HIS C 66 -18.96 8.01 -9.80
N GLU C 67 -18.00 7.20 -10.25
CA GLU C 67 -18.27 6.08 -11.14
C GLU C 67 -18.20 4.71 -10.48
N HIS C 68 -17.61 4.60 -9.30
CA HIS C 68 -17.31 3.29 -8.74
C HIS C 68 -17.59 3.28 -7.25
N ARG C 69 -18.22 2.20 -6.79
CA ARG C 69 -18.49 1.99 -5.37
C ARG C 69 -17.80 0.72 -4.90
N LEU C 70 -17.35 0.76 -3.65
CA LEU C 70 -16.89 -0.43 -2.94
C LEU C 70 -18.09 -1.17 -2.37
N VAL C 71 -18.20 -2.47 -2.68
CA VAL C 71 -19.32 -3.29 -2.22
C VAL C 71 -18.79 -4.31 -1.23
N TYR C 72 -19.40 -4.37 -0.05
CA TYR C 72 -18.82 -5.12 1.05
C TYR C 72 -19.89 -5.60 2.01
N THR C 73 -19.51 -6.54 2.86
CA THR C 73 -20.32 -6.96 4.00
C THR C 73 -19.41 -7.02 5.22
N VAL C 74 -20.02 -6.99 6.40
CA VAL C 74 -19.26 -6.96 7.65
C VAL C 74 -19.88 -7.96 8.62
N ASP C 75 -19.02 -8.72 9.30
CA ASP C 75 -19.45 -9.50 10.45
C ASP C 75 -18.46 -9.26 11.59
N ASP C 76 -18.46 -10.15 12.58
CA ASP C 76 -17.56 -9.98 13.71
C ASP C 76 -16.12 -10.31 13.35
N ASN C 77 -15.89 -11.00 12.24
CA ASN C 77 -14.55 -11.49 11.89
C ASN C 77 -13.86 -10.67 10.82
N HIS C 78 -14.60 -10.12 9.85
CA HIS C 78 -13.95 -9.58 8.67
C HIS C 78 -14.88 -8.65 7.91
N ILE C 79 -14.25 -7.76 7.14
CA ILE C 79 -14.90 -7.09 6.03
C ILE C 79 -14.65 -7.92 4.78
N LYS C 80 -15.72 -8.26 4.07
CA LYS C 80 -15.64 -9.04 2.84
C LYS C 80 -15.98 -8.12 1.69
N ILE C 81 -15.05 -7.98 0.75
CA ILE C 81 -15.19 -7.04 -0.37
C ILE C 81 -15.57 -7.84 -1.61
N ALA C 82 -16.73 -7.51 -2.19
CA ALA C 82 -17.16 -8.19 -3.41
C ALA C 82 -16.71 -7.47 -4.68
N SER C 83 -16.51 -6.15 -4.63
CA SER C 83 -16.18 -5.40 -5.83
C SER C 83 -15.60 -4.04 -5.44
N CYS C 84 -14.70 -3.53 -6.30
CA CYS C 84 -14.17 -2.19 -6.17
C CYS C 84 -14.55 -1.30 -7.35
N LYS C 85 -15.48 -1.74 -8.21
CA LYS C 85 -15.81 -0.98 -9.41
C LYS C 85 -17.32 -0.91 -9.65
N TYR C 86 -18.13 -1.12 -8.61
CA TYR C 86 -19.57 -1.33 -8.80
C TYR C 86 -20.29 -0.04 -9.16
N HIS C 87 -21.29 -0.17 -10.04
CA HIS C 87 -22.27 0.88 -10.29
C HIS C 87 -23.59 0.17 -10.56
N TYR C 88 -24.67 0.66 -9.96
CA TYR C 88 -25.97 0.05 -10.18
C TYR C 88 -26.34 0.14 -11.66
S SO4 D . 12.90 6.14 -11.50
O1 SO4 D . 13.40 6.07 -10.12
O2 SO4 D . 13.13 7.49 -12.04
O3 SO4 D . 13.61 5.19 -12.33
O4 SO4 D . 11.47 5.85 -11.53
S SO4 E . -15.17 8.83 9.31
O1 SO4 E . -16.32 9.33 10.06
O2 SO4 E . -14.33 9.93 8.89
O3 SO4 E . -15.64 8.10 8.13
O4 SO4 E . -14.40 7.93 10.18
S SO4 F . -23.42 -0.84 11.91
O1 SO4 F . -23.34 -0.18 13.21
O2 SO4 F . -23.51 0.14 10.84
O3 SO4 F . -22.22 -1.64 11.71
O4 SO4 F . -24.61 -1.68 11.89
#